data_6P0P
#
_entry.id   6P0P
#
_cell.length_a   78.099
_cell.length_b   78.099
_cell.length_c   165.182
_cell.angle_alpha   90.00
_cell.angle_beta   90.00
_cell.angle_gamma   120.00
#
_symmetry.space_group_name_H-M   'P 31 2 1'
#
loop_
_entity.id
_entity.type
_entity.pdbx_description
1 polymer 'Tryptase alpha/beta-1'
2 non-polymer "(3'-{4-[3-(aminomethyl)phenyl]piperidine-1-carbonyl}[1,1'-biphenyl]-3-yl){4-[3-(aminomethyl)phenyl]piperidin-1-yl}[3,4-di(hydroxy-kappaO)phenyl]methanonato(2-)hydroxyborate(1-)"
3 non-polymer 'SULFATE ION'
4 non-polymer 'TRIETHYLENE GLYCOL'
5 non-polymer '2-(N-MORPHOLINO)-ETHANESULFONIC ACID'
6 water water
#
_entity_poly.entity_id   1
_entity_poly.type   'polypeptide(L)'
_entity_poly.pdbx_seq_one_letter_code
;MLNLLLLALPVLASRAYAAPAPGQALQRVGIVGGQEAPRSKWPWQVSLRVHGPYWMHFCGGSLIHPQWVLTAAHCVGPDV
KDLAALRVQLREQHLYYQDQLLPVSRIIVHPQFYTAQIGADIALLELEEPVKVSSHVHTVTLPPASETFPPGMPCWVTGW
GDVDNDERLPPPFPLKQVKVPIMENHICDAKYHLGAYTGDDVRIVRDDMLCAGNTRRDSCQGDSGGPLVCKVNGTWLQAG
VVSWGEGCAQPNRPGIYTRVTYYLDWIHHYVPKKP
;
_entity_poly.pdbx_strand_id   A,B
#
# COMPACT_ATOMS: atom_id res chain seq x y z
N ILE A 31 17.85 -0.08 9.50
CA ILE A 31 18.32 -1.40 10.02
C ILE A 31 18.02 -1.54 11.52
N VAL A 32 17.33 -2.63 11.86
CA VAL A 32 16.94 -2.94 13.23
C VAL A 32 17.92 -3.99 13.70
N GLY A 33 18.50 -3.79 14.88
CA GLY A 33 19.50 -4.74 15.42
C GLY A 33 20.83 -4.59 14.71
N GLY A 34 21.73 -5.51 14.99
CA GLY A 34 23.08 -5.36 14.46
C GLY A 34 23.76 -4.03 14.81
N GLN A 35 24.62 -3.56 13.93
CA GLN A 35 25.72 -2.67 14.34
C GLN A 35 26.21 -1.78 13.21
N GLU A 36 27.05 -0.83 13.55
CA GLU A 36 27.64 0.09 12.56
C GLU A 36 28.55 -0.70 11.63
N ALA A 37 28.43 -0.50 10.32
CA ALA A 37 29.28 -1.28 9.38
C ALA A 37 30.77 -0.82 9.35
N PRO A 38 31.73 -1.74 9.15
CA PRO A 38 33.12 -1.26 8.89
C PRO A 38 33.32 -0.61 7.50
N ARG A 39 34.23 0.37 7.44
CA ARG A 39 34.60 1.11 6.19
C ARG A 39 34.88 0.21 4.96
N SER A 40 35.47 -0.95 5.21
CA SER A 40 35.91 -1.88 4.15
C SER A 40 34.81 -2.84 3.63
N LYS A 41 33.63 -2.80 4.25
CA LYS A 41 32.52 -3.68 3.91
C LYS A 41 31.48 -2.96 3.07
N TRP A 42 30.77 -3.72 2.24
CA TRP A 42 29.67 -3.18 1.41
C TRP A 42 30.06 -2.00 0.54
N PRO A 43 31.07 -2.18 -0.30
CA PRO A 43 31.57 -1.11 -1.14
C PRO A 43 30.62 -0.73 -2.31
N TRP A 44 29.64 -1.60 -2.55
CA TRP A 44 28.52 -1.39 -3.49
C TRP A 44 27.30 -0.63 -2.97
N GLN A 45 27.24 -0.38 -1.67
CA GLN A 45 26.08 0.32 -1.03
C GLN A 45 25.95 1.73 -1.59
N VAL A 46 24.73 2.14 -1.86
CA VAL A 46 24.42 3.42 -2.49
C VAL A 46 23.30 4.12 -1.70
N SER A 47 23.34 5.44 -1.63
CA SER A 47 22.28 6.19 -1.05
C SER A 47 21.62 7.03 -2.15
N LEU A 48 20.27 7.00 -2.21
CA LEU A 48 19.44 7.77 -3.14
C LEU A 48 18.93 9.00 -2.43
N ARG A 49 18.96 10.15 -3.13
CA ARG A 49 18.69 11.41 -2.51
C ARG A 49 17.67 12.18 -3.33
N VAL A 50 16.75 12.84 -2.62
CA VAL A 50 15.70 13.66 -3.20
C VAL A 50 16.02 15.10 -2.87
N HIS A 51 15.87 15.99 -3.85
CA HIS A 51 16.05 17.45 -3.66
C HIS A 51 15.01 17.99 -2.68
N GLY A 52 15.45 18.86 -1.80
CA GLY A 52 14.57 19.63 -0.94
C GLY A 52 15.42 20.68 -0.25
N PRO A 53 15.12 20.98 1.03
CA PRO A 53 16.00 21.83 1.84
C PRO A 53 17.47 21.34 1.81
N TYR A 54 17.64 20.03 1.90
CA TYR A 54 18.92 19.35 1.66
C TYR A 54 18.67 18.12 0.82
N TRP A 55 19.74 17.53 0.29
CA TRP A 55 19.60 16.32 -0.54
C TRP A 55 19.42 15.12 0.39
N MET A 56 18.16 14.77 0.64
CA MET A 56 17.82 13.84 1.73
C MET A 56 17.82 12.37 1.27
N HIS A 57 18.40 11.50 2.09
CA HIS A 57 18.33 10.05 1.92
C HIS A 57 16.89 9.54 2.01
N PHE A 58 16.41 8.81 1.01
CA PHE A 58 15.09 8.13 1.13
C PHE A 58 15.14 6.63 0.87
N CYS A 59 16.09 6.17 0.07
CA CYS A 59 16.23 4.75 -0.22
C CYS A 59 17.67 4.34 -0.43
N GLY A 60 17.90 3.04 -0.33
CA GLY A 60 19.16 2.43 -0.69
C GLY A 60 19.21 2.04 -2.17
N GLY A 61 20.40 1.56 -2.54
CA GLY A 61 20.64 1.00 -3.87
C GLY A 61 21.89 0.15 -3.82
N SER A 62 22.23 -0.49 -4.93
CA SER A 62 23.54 -1.17 -5.03
C SER A 62 24.17 -0.85 -6.37
N LEU A 63 25.48 -0.66 -6.40
CA LEU A 63 26.20 -0.53 -7.67
C LEU A 63 26.39 -1.94 -8.28
N ILE A 64 25.76 -2.20 -9.42
CA ILE A 64 25.92 -3.50 -10.09
C ILE A 64 26.76 -3.39 -11.36
N HIS A 65 27.26 -2.19 -11.66
CA HIS A 65 28.00 -1.88 -12.92
C HIS A 65 28.38 -0.42 -12.72
N PRO A 66 29.47 0.05 -13.35
CA PRO A 66 29.86 1.44 -13.13
C PRO A 66 28.85 2.55 -13.55
N GLN A 67 27.90 2.26 -14.43
CA GLN A 67 26.84 3.21 -14.72
C GLN A 67 25.46 2.74 -14.20
N TRP A 68 25.37 1.65 -13.44
CA TRP A 68 24.07 1.12 -13.05
C TRP A 68 23.93 0.87 -11.56
N VAL A 69 22.92 1.52 -10.98
CA VAL A 69 22.46 1.21 -9.61
C VAL A 69 21.20 0.36 -9.69
N LEU A 70 21.15 -0.70 -8.90
CA LEU A 70 19.94 -1.50 -8.74
C LEU A 70 19.29 -1.05 -7.45
N THR A 71 17.95 -0.90 -7.50
CA THR A 71 17.16 -0.47 -6.36
C THR A 71 15.75 -1.09 -6.42
N ALA A 72 14.85 -0.61 -5.55
CA ALA A 72 13.44 -0.98 -5.54
C ALA A 72 12.63 -0.01 -6.36
N ALA A 73 11.74 -0.52 -7.18
CA ALA A 73 10.80 0.30 -7.95
C ALA A 73 9.99 1.28 -7.10
N HIS A 74 9.58 0.86 -5.92
CA HIS A 74 8.71 1.76 -5.13
C HIS A 74 9.48 3.02 -4.65
N CYS A 75 10.82 2.97 -4.65
CA CYS A 75 11.64 4.15 -4.33
C CYS A 75 11.49 5.26 -5.38
N VAL A 76 11.25 4.86 -6.63
CA VAL A 76 11.20 5.82 -7.74
C VAL A 76 9.91 5.83 -8.52
N GLY A 77 8.96 5.03 -8.09
CA GLY A 77 7.71 4.90 -8.80
C GLY A 77 6.63 4.44 -7.87
N PRO A 78 5.48 4.03 -8.42
CA PRO A 78 5.20 3.80 -9.85
C PRO A 78 5.04 5.04 -10.74
N ASP A 79 4.88 6.22 -10.16
CA ASP A 79 4.73 7.43 -10.97
C ASP A 79 6.06 8.05 -11.34
N VAL A 80 6.07 8.67 -12.52
CA VAL A 80 7.27 9.21 -13.13
C VAL A 80 7.69 10.45 -12.35
N LYS A 81 8.91 10.42 -11.85
CA LYS A 81 9.53 11.56 -11.17
C LYS A 81 10.35 12.47 -12.13
N ASP A 82 10.64 13.68 -11.66
CA ASP A 82 11.65 14.54 -12.28
C ASP A 82 13.04 14.01 -11.92
N LEU A 83 13.78 13.58 -12.94
CA LEU A 83 15.16 13.12 -12.77
C LEU A 83 16.11 14.12 -12.07
N ALA A 84 15.97 15.41 -12.38
CA ALA A 84 16.82 16.46 -11.78
C ALA A 84 16.70 16.51 -10.26
N ALA A 85 15.57 16.08 -9.74
CA ALA A 85 15.33 15.98 -8.29
C ALA A 85 15.93 14.77 -7.62
N LEU A 86 16.58 13.90 -8.39
CA LEU A 86 17.15 12.67 -7.90
C LEU A 86 18.66 12.66 -8.08
N ARG A 87 19.39 12.27 -7.04
CA ARG A 87 20.81 12.02 -7.14
C ARG A 87 21.28 10.80 -6.34
N VAL A 88 22.48 10.35 -6.65
CA VAL A 88 23.05 9.12 -6.11
C VAL A 88 24.30 9.48 -5.34
N GLN A 89 24.52 8.83 -4.22
CA GLN A 89 25.73 8.99 -3.44
C GLN A 89 26.31 7.59 -3.27
N LEU A 90 27.59 7.45 -3.60
CA LEU A 90 28.26 6.15 -3.52
C LEU A 90 28.67 5.98 -2.08
N ARG A 91 29.23 4.81 -1.77
CA ARG A 91 29.53 4.41 -0.39
C ARG A 91 30.11 5.52 0.49
N GLU A 92 29.55 5.67 1.67
CA GLU A 92 29.87 6.73 2.62
C GLU A 92 29.73 6.12 3.99
N GLN A 93 30.67 6.30 4.89
CA GLN A 93 30.51 5.76 6.22
C GLN A 93 29.43 6.52 7.00
N HIS A 94 29.23 7.79 6.68
CA HIS A 94 28.25 8.64 7.36
C HIS A 94 27.51 9.55 6.38
N LEU A 95 26.18 9.50 6.36
CA LEU A 95 25.41 10.37 5.44
C LEU A 95 25.71 11.84 5.63
N TYR A 96 25.85 12.51 4.51
CA TYR A 96 25.91 13.98 4.41
C TYR A 96 27.26 14.63 4.63
N TYR A 97 28.16 13.95 5.34
CA TYR A 97 29.43 14.57 5.76
C TYR A 97 30.37 14.79 4.61
N GLN A 98 30.42 13.88 3.66
CA GLN A 98 31.32 14.05 2.53
C GLN A 98 30.68 13.70 1.22
N ASP A 99 29.51 14.30 1.03
CA ASP A 99 28.69 14.08 -0.15
C ASP A 99 29.37 14.55 -1.44
N GLN A 100 29.34 13.69 -2.45
CA GLN A 100 29.74 14.01 -3.79
C GLN A 100 28.63 13.42 -4.67
N LEU A 101 27.54 14.17 -4.80
CA LEU A 101 26.35 13.65 -5.46
C LEU A 101 26.59 13.42 -6.96
N LEU A 102 25.82 12.51 -7.55
CA LEU A 102 25.97 12.10 -8.93
C LEU A 102 24.61 12.09 -9.59
N PRO A 103 24.51 12.73 -10.76
CA PRO A 103 23.22 12.77 -11.39
C PRO A 103 22.96 11.48 -12.17
N VAL A 104 21.72 11.40 -12.62
CA VAL A 104 21.10 10.20 -13.12
C VAL A 104 20.50 10.55 -14.49
N SER A 105 20.77 9.73 -15.49
CA SER A 105 20.20 9.98 -16.83
C SER A 105 18.92 9.18 -17.14
N ARG A 106 18.76 8.01 -16.51
CA ARG A 106 17.61 7.13 -16.76
C ARG A 106 17.10 6.40 -15.52
N ILE A 107 15.77 6.35 -15.37
CA ILE A 107 15.12 5.53 -14.35
C ILE A 107 14.39 4.44 -15.12
N ILE A 108 14.90 3.21 -15.06
CA ILE A 108 14.13 2.09 -15.63
C ILE A 108 13.44 1.34 -14.49
N VAL A 109 12.10 1.32 -14.51
CA VAL A 109 11.31 0.62 -13.46
C VAL A 109 10.63 -0.61 -14.08
N HIS A 110 10.56 -1.70 -13.35
CA HIS A 110 9.96 -2.91 -13.92
C HIS A 110 8.52 -2.64 -14.32
N PRO A 111 8.13 -2.96 -15.56
CA PRO A 111 6.79 -2.58 -16.03
C PRO A 111 5.63 -3.33 -15.36
N GLN A 112 5.87 -4.52 -14.84
CA GLN A 112 4.93 -5.18 -13.93
C GLN A 112 4.69 -4.44 -12.61
N PHE A 113 5.53 -3.48 -12.25
CA PHE A 113 5.44 -2.89 -10.95
C PHE A 113 4.28 -1.93 -10.77
N TYR A 114 3.48 -2.17 -9.72
CA TYR A 114 2.52 -1.15 -9.26
C TYR A 114 2.65 -0.93 -7.76
N THR A 115 2.60 -2.00 -6.94
CA THR A 115 2.95 -1.94 -5.51
C THR A 115 3.92 -3.06 -5.12
N ALA A 116 4.57 -2.90 -3.97
CA ALA A 116 5.51 -3.89 -3.44
C ALA A 116 4.84 -5.17 -3.06
N GLN A 117 3.60 -5.06 -2.57
CA GLN A 117 2.80 -6.23 -2.11
C GLN A 117 2.38 -7.17 -3.28
N ILE A 118 2.26 -6.61 -4.47
CA ILE A 118 1.97 -7.42 -5.64
C ILE A 118 3.25 -8.02 -6.13
N GLY A 119 4.30 -7.20 -6.20
CA GLY A 119 5.67 -7.65 -6.59
C GLY A 119 6.29 -6.85 -7.75
N ALA A 120 7.43 -7.35 -8.25
CA ALA A 120 8.24 -6.71 -9.28
C ALA A 120 8.78 -5.38 -8.76
N ASP A 121 9.06 -5.37 -7.47
CA ASP A 121 9.59 -4.20 -6.83
C ASP A 121 11.09 -4.13 -7.09
N ILE A 122 11.40 -3.69 -8.31
CA ILE A 122 12.78 -3.63 -8.79
C ILE A 122 12.89 -2.56 -9.85
N ALA A 123 13.96 -1.79 -9.76
CA ALA A 123 14.26 -0.75 -10.73
C ALA A 123 15.78 -0.58 -10.90
N LEU A 124 16.13 0.14 -11.96
CA LEU A 124 17.48 0.44 -12.36
C LEU A 124 17.66 1.94 -12.59
N LEU A 125 18.83 2.43 -12.18
CA LEU A 125 19.25 3.82 -12.41
C LEU A 125 20.49 3.82 -13.21
N GLU A 126 20.46 4.57 -14.31
CA GLU A 126 21.66 4.81 -15.09
C GLU A 126 22.23 6.17 -14.74
N LEU A 127 23.53 6.21 -14.53
CA LEU A 127 24.20 7.43 -14.13
C LEU A 127 24.64 8.08 -15.41
N GLU A 128 24.69 9.40 -15.39
CA GLU A 128 25.21 10.19 -16.47
C GLU A 128 26.65 9.84 -16.81
N GLU A 129 27.44 9.42 -15.83
CA GLU A 129 28.81 8.97 -16.08
C GLU A 129 29.06 7.63 -15.44
N PRO A 130 30.00 6.85 -15.98
CA PRO A 130 30.46 5.65 -15.25
C PRO A 130 31.33 6.03 -14.07
N VAL A 131 31.19 5.36 -12.94
CA VAL A 131 31.99 5.71 -11.77
C VAL A 131 33.31 4.98 -11.86
N LYS A 132 34.24 5.39 -11.02
CA LYS A 132 35.53 4.74 -10.94
C LYS A 132 35.56 3.77 -9.79
N VAL A 133 36.13 2.62 -10.03
CA VAL A 133 36.05 1.48 -9.14
C VAL A 133 37.33 1.41 -8.29
N SER A 134 37.20 0.89 -7.09
CA SER A 134 38.31 0.82 -6.15
C SER A 134 37.91 -0.14 -5.05
N SER A 135 38.82 -0.35 -4.10
CA SER A 135 38.52 -1.20 -2.95
C SER A 135 37.45 -0.57 -2.07
N HIS A 136 37.47 0.75 -1.95
CA HIS A 136 36.42 1.47 -1.22
C HIS A 136 35.08 1.37 -1.95
N VAL A 137 35.08 1.40 -3.27
CA VAL A 137 33.85 1.54 -4.03
C VAL A 137 33.85 0.67 -5.29
N HIS A 138 33.08 -0.41 -5.29
CA HIS A 138 32.98 -1.29 -6.45
C HIS A 138 31.64 -2.02 -6.52
N THR A 139 31.46 -2.83 -7.57
CA THR A 139 30.19 -3.41 -7.83
C THR A 139 30.01 -4.65 -6.96
N VAL A 140 28.75 -5.05 -6.82
CA VAL A 140 28.34 -6.34 -6.24
C VAL A 140 28.02 -7.32 -7.37
N THR A 141 28.27 -8.59 -7.11
CA THR A 141 28.08 -9.66 -8.08
C THR A 141 26.63 -10.10 -7.97
N LEU A 142 26.02 -10.32 -9.13
CA LEU A 142 24.65 -10.83 -9.21
C LEU A 142 24.72 -12.34 -9.19
N PRO A 143 23.74 -13.00 -8.53
CA PRO A 143 23.65 -14.45 -8.50
C PRO A 143 23.36 -15.09 -9.85
N PRO A 144 23.85 -16.32 -10.06
CA PRO A 144 23.42 -17.09 -11.20
C PRO A 144 21.97 -17.51 -10.98
N ALA A 145 21.22 -17.72 -12.06
CA ALA A 145 19.74 -17.95 -11.94
C ALA A 145 19.32 -19.19 -11.09
N SER A 146 20.25 -20.13 -10.93
CA SER A 146 20.04 -21.38 -10.17
C SER A 146 20.05 -21.24 -8.65
N GLU A 147 20.67 -20.19 -8.11
CA GLU A 147 20.84 -20.05 -6.64
C GLU A 147 19.49 -19.76 -5.92
N THR A 148 19.16 -20.60 -4.92
CA THR A 148 17.88 -20.52 -4.21
C THR A 148 17.96 -19.76 -2.88
N PHE A 149 19.18 -19.62 -2.33
CA PHE A 149 19.44 -18.97 -1.03
C PHE A 149 18.64 -19.58 0.07
N PRO A 150 19.01 -20.82 0.44
CA PRO A 150 18.23 -21.57 1.40
C PRO A 150 18.52 -21.09 2.82
N PRO A 151 17.68 -21.46 3.81
CA PRO A 151 17.91 -21.06 5.21
C PRO A 151 19.25 -21.56 5.72
N GLY A 152 19.72 -20.93 6.79
CA GLY A 152 21.07 -21.18 7.28
C GLY A 152 22.21 -20.63 6.40
N MET A 153 21.90 -20.04 5.24
CA MET A 153 22.89 -19.27 4.50
C MET A 153 23.12 -17.98 5.33
N PRO A 154 24.39 -17.55 5.49
CA PRO A 154 24.61 -16.29 6.18
C PRO A 154 24.44 -15.14 5.18
N CYS A 155 23.49 -14.25 5.46
CA CYS A 155 23.22 -13.08 4.64
C CYS A 155 23.07 -11.86 5.50
N TRP A 156 23.56 -10.75 4.99
CA TRP A 156 23.55 -9.49 5.69
C TRP A 156 22.76 -8.54 4.82
N VAL A 157 21.97 -7.66 5.46
CA VAL A 157 21.31 -6.52 4.83
C VAL A 157 21.85 -5.21 5.44
N THR A 158 21.88 -4.17 4.62
CA THR A 158 22.58 -2.92 4.94
C THR A 158 21.81 -1.67 4.55
N GLY A 159 22.06 -0.60 5.28
CA GLY A 159 21.43 0.70 4.98
C GLY A 159 21.44 1.69 6.12
N TRP A 160 20.87 2.85 5.80
CA TRP A 160 20.75 4.00 6.67
C TRP A 160 19.30 4.26 7.11
N GLY A 161 18.46 3.22 7.08
CA GLY A 161 17.04 3.35 7.45
C GLY A 161 16.84 3.27 8.95
N ASP A 162 15.56 3.34 9.33
CA ASP A 162 15.14 3.42 10.73
C ASP A 162 15.70 2.24 11.55
N VAL A 163 15.94 2.47 12.82
CA VAL A 163 16.52 1.43 13.70
C VAL A 163 15.48 0.70 14.49
N ASP A 164 14.23 1.13 14.32
CA ASP A 164 13.05 0.38 14.73
C ASP A 164 11.83 1.06 14.11
N ASN A 165 10.63 0.59 14.43
CA ASN A 165 9.39 1.23 13.98
C ASN A 165 9.34 2.64 14.51
N ASP A 166 9.29 3.59 13.58
CA ASP A 166 9.24 5.01 13.91
C ASP A 166 10.43 5.61 14.64
N GLU A 167 11.55 4.89 14.74
CA GLU A 167 12.80 5.44 15.26
C GLU A 167 13.79 5.71 14.12
N ARG A 168 13.99 6.97 13.82
CA ARG A 168 15.01 7.41 12.88
C ARG A 168 16.43 6.93 13.29
N LEU A 169 17.24 6.60 12.30
CA LEU A 169 18.67 6.48 12.51
C LEU A 169 19.17 7.84 13.01
N PRO A 170 19.79 7.89 14.20
CA PRO A 170 20.34 9.15 14.66
C PRO A 170 21.64 9.58 13.95
N PRO A 171 21.94 10.90 13.98
CA PRO A 171 23.23 11.40 13.51
C PRO A 171 24.35 10.83 14.37
N PRO A 172 25.53 10.61 13.78
CA PRO A 172 25.97 11.01 12.44
C PRO A 172 25.56 10.12 11.23
N PHE A 173 24.52 9.28 11.40
CA PHE A 173 23.91 8.48 10.30
C PHE A 173 24.91 7.50 9.70
N PRO A 174 25.47 6.63 10.54
CA PRO A 174 26.38 5.62 10.03
C PRO A 174 25.63 4.53 9.26
N LEU A 175 26.25 4.07 8.18
CA LEU A 175 25.79 2.85 7.51
C LEU A 175 25.73 1.64 8.47
N LYS A 176 24.54 1.06 8.63
CA LYS A 176 24.37 -0.11 9.50
C LYS A 176 24.21 -1.40 8.67
N GLN A 177 24.47 -2.53 9.33
CA GLN A 177 24.37 -3.87 8.75
C GLN A 177 23.71 -4.72 9.83
N VAL A 178 23.10 -5.85 9.46
CA VAL A 178 22.65 -6.87 10.41
C VAL A 178 22.59 -8.17 9.67
N LYS A 179 23.06 -9.23 10.33
CA LYS A 179 22.95 -10.58 9.80
C LYS A 179 21.49 -11.06 9.93
N VAL A 180 20.87 -11.50 8.84
CA VAL A 180 19.45 -11.90 8.92
C VAL A 180 19.28 -13.34 8.51
N PRO A 181 18.49 -14.11 9.28
CA PRO A 181 18.25 -15.48 8.85
C PRO A 181 17.23 -15.52 7.74
N ILE A 182 17.58 -16.18 6.63
CA ILE A 182 16.64 -16.48 5.55
C ILE A 182 15.57 -17.52 5.97
N MET A 183 14.30 -17.27 5.65
CA MET A 183 13.21 -18.22 5.86
C MET A 183 12.76 -18.66 4.50
N GLU A 184 12.46 -19.95 4.29
CA GLU A 184 11.85 -20.40 3.05
C GLU A 184 10.53 -19.70 2.80
N ASN A 185 10.23 -19.43 1.53
CA ASN A 185 9.06 -18.66 1.15
C ASN A 185 7.76 -19.17 1.75
N HIS A 186 7.55 -20.48 1.78
CA HIS A 186 6.31 -21.08 2.27
C HIS A 186 6.16 -20.97 3.79
N ILE A 187 7.26 -20.98 4.53
CA ILE A 187 7.17 -20.76 5.98
C ILE A 187 6.70 -19.34 6.20
N CYS A 188 7.32 -18.46 5.46
CA CYS A 188 7.13 -17.07 5.60
C CYS A 188 5.71 -16.65 5.21
N ASP A 189 5.18 -17.18 4.12
CA ASP A 189 3.79 -16.93 3.70
C ASP A 189 2.85 -17.33 4.83
N ALA A 190 3.06 -18.54 5.36
CA ALA A 190 2.25 -19.04 6.47
C ALA A 190 2.33 -18.14 7.67
N LYS A 191 3.52 -17.63 8.00
CA LYS A 191 3.66 -16.74 9.14
C LYS A 191 2.81 -15.49 8.88
N TYR A 192 2.84 -14.95 7.67
CA TYR A 192 2.09 -13.74 7.37
C TYR A 192 0.57 -13.96 7.45
N HIS A 193 0.13 -15.22 7.51
CA HIS A 193 -1.27 -15.59 7.64
C HIS A 193 -1.77 -15.76 9.08
N LEU A 194 -0.86 -16.08 9.99
CA LEU A 194 -1.14 -16.04 11.43
C LEU A 194 -1.58 -14.61 11.91
N GLY A 195 -2.68 -14.55 12.65
CA GLY A 195 -3.29 -13.29 13.01
C GLY A 195 -3.91 -12.51 11.86
N ALA A 196 -4.19 -13.17 10.73
CA ALA A 196 -4.75 -12.48 9.57
C ALA A 196 -6.10 -13.05 9.17
N TYR A 197 -6.95 -12.25 8.52
CA TYR A 197 -8.22 -12.78 7.97
C TYR A 197 -8.01 -13.49 6.66
N THR A 198 -6.88 -13.19 6.02
CA THR A 198 -6.62 -13.58 4.66
C THR A 198 -6.58 -15.09 4.64
N GLY A 199 -7.30 -15.69 3.68
CA GLY A 199 -7.32 -17.14 3.50
C GLY A 199 -5.95 -17.73 3.31
N ASP A 200 -5.71 -18.85 3.97
CA ASP A 200 -4.41 -19.55 3.91
C ASP A 200 -3.91 -19.87 2.48
N ASP A 201 -4.86 -20.14 1.59
CA ASP A 201 -4.63 -20.47 0.18
C ASP A 201 -4.37 -19.28 -0.66
N VAL A 202 -4.65 -18.10 -0.15
CA VAL A 202 -4.39 -16.84 -0.83
C VAL A 202 -2.95 -16.37 -0.51
N ARG A 203 -2.07 -16.50 -1.51
CA ARG A 203 -0.66 -16.27 -1.25
C ARG A 203 -0.39 -14.81 -0.99
N ILE A 204 0.35 -14.54 0.09
CA ILE A 204 0.86 -13.21 0.37
C ILE A 204 2.31 -13.01 -0.08
N VAL A 205 3.20 -13.91 0.35
CA VAL A 205 4.60 -13.85 -0.03
C VAL A 205 4.75 -14.58 -1.35
N ARG A 206 5.05 -13.82 -2.41
CA ARG A 206 4.98 -14.31 -3.79
C ARG A 206 6.28 -14.94 -4.19
N ASP A 207 6.29 -15.62 -5.35
CA ASP A 207 7.40 -16.49 -5.74
C ASP A 207 8.60 -15.64 -6.13
N ASP A 208 8.33 -14.45 -6.65
CA ASP A 208 9.37 -13.43 -6.94
C ASP A 208 9.88 -12.63 -5.73
N MET A 209 9.56 -13.11 -4.52
CA MET A 209 10.00 -12.50 -3.26
C MET A 209 10.84 -13.46 -2.41
N LEU A 210 11.48 -12.88 -1.42
CA LEU A 210 12.39 -13.58 -0.55
C LEU A 210 12.25 -13.02 0.86
N CYS A 211 12.16 -13.91 1.85
CA CYS A 211 12.04 -13.55 3.27
C CYS A 211 13.29 -13.75 4.06
N ALA A 212 13.59 -12.77 4.91
CA ALA A 212 14.53 -12.92 5.98
C ALA A 212 14.20 -11.94 7.09
N GLY A 213 14.79 -12.21 8.25
CA GLY A 213 14.58 -11.45 9.45
C GLY A 213 13.80 -12.17 10.53
N ASN A 214 13.87 -11.59 11.72
CA ASN A 214 13.13 -12.03 12.89
C ASN A 214 12.84 -10.79 13.77
N THR A 215 12.52 -10.97 15.05
CA THR A 215 12.09 -9.84 15.89
C THR A 215 13.26 -9.04 16.46
N ARG A 216 14.48 -9.52 16.26
CA ARG A 216 15.68 -8.79 16.63
C ARG A 216 16.43 -8.18 15.43
N ARG A 217 16.19 -8.67 14.21
CA ARG A 217 17.08 -8.45 13.05
C ARG A 217 16.26 -8.26 11.78
N ASP A 218 16.31 -7.09 11.17
CA ASP A 218 15.43 -6.77 10.03
C ASP A 218 15.85 -5.46 9.36
N SER A 219 15.34 -5.22 8.17
CA SER A 219 15.38 -3.91 7.56
C SER A 219 14.17 -3.12 7.98
N CYS A 220 14.25 -1.83 7.72
CA CYS A 220 13.17 -0.93 8.03
C CYS A 220 13.12 0.21 7.00
N GLN A 221 12.18 1.13 7.17
CA GLN A 221 12.02 2.27 6.28
C GLN A 221 13.29 3.04 6.19
N GLY A 222 13.68 3.35 4.96
CA GLY A 222 14.94 4.00 4.68
C GLY A 222 15.93 3.04 4.09
N ASP A 223 15.80 1.73 4.41
CA ASP A 223 16.64 0.68 3.81
C ASP A 223 16.11 0.16 2.50
N SER A 224 14.87 0.52 2.14
CA SER A 224 14.25 0.03 0.91
C SER A 224 15.13 0.34 -0.25
N GLY A 225 15.24 -0.62 -1.15
CA GLY A 225 16.04 -0.48 -2.37
C GLY A 225 17.49 -0.94 -2.22
N GLY A 226 17.99 -1.04 -0.98
CA GLY A 226 19.31 -1.58 -0.76
C GLY A 226 19.45 -3.12 -0.76
N PRO A 227 20.68 -3.62 -0.65
CA PRO A 227 20.94 -4.99 -0.92
C PRO A 227 20.87 -5.91 0.31
N LEU A 228 20.31 -7.10 0.06
CA LEU A 228 20.53 -8.26 0.89
C LEU A 228 21.57 -9.12 0.14
N VAL A 229 22.70 -9.39 0.79
CA VAL A 229 23.82 -10.06 0.13
C VAL A 229 24.22 -11.31 0.92
N CYS A 230 24.60 -12.36 0.23
CA CYS A 230 24.97 -13.64 0.88
C CYS A 230 26.33 -14.11 0.37
N LYS A 231 27.19 -14.57 1.26
CA LYS A 231 28.51 -15.06 0.87
C LYS A 231 28.39 -16.51 0.42
N VAL A 232 28.80 -16.79 -0.81
CA VAL A 232 28.67 -18.14 -1.43
C VAL A 232 29.94 -18.46 -2.22
N ASN A 233 30.69 -19.49 -1.79
CA ASN A 233 32.05 -19.81 -2.35
C ASN A 233 32.98 -18.59 -2.26
N GLY A 234 32.94 -17.93 -1.09
CA GLY A 234 33.73 -16.72 -0.85
C GLY A 234 33.49 -15.52 -1.75
N THR A 235 32.36 -15.47 -2.48
CA THR A 235 31.92 -14.27 -3.21
C THR A 235 30.58 -13.79 -2.64
N TRP A 236 30.41 -12.47 -2.63
CA TRP A 236 29.16 -11.86 -2.20
C TRP A 236 28.20 -11.83 -3.38
N LEU A 237 27.03 -12.40 -3.19
CA LEU A 237 25.97 -12.35 -4.20
C LEU A 237 24.79 -11.56 -3.64
N GLN A 238 24.24 -10.62 -4.40
CA GLN A 238 23.01 -9.94 -3.96
C GLN A 238 21.77 -10.81 -4.23
N ALA A 239 21.28 -11.47 -3.19
CA ALA A 239 20.05 -12.24 -3.23
C ALA A 239 18.78 -11.43 -3.35
N GLY A 240 18.77 -10.26 -2.71
CA GLY A 240 17.53 -9.47 -2.59
C GLY A 240 17.68 -7.96 -2.64
N VAL A 241 16.55 -7.30 -2.84
CA VAL A 241 16.41 -5.86 -2.74
C VAL A 241 15.37 -5.62 -1.67
N VAL A 242 15.70 -4.78 -0.72
CA VAL A 242 14.81 -4.52 0.42
C VAL A 242 13.54 -3.96 -0.16
N SER A 243 12.40 -4.65 0.06
CA SER A 243 11.13 -4.29 -0.56
C SER A 243 10.06 -3.80 0.41
N TRP A 244 9.61 -4.65 1.33
CA TRP A 244 8.50 -4.32 2.23
C TRP A 244 8.43 -5.30 3.40
N GLY A 245 7.40 -5.12 4.22
CA GLY A 245 7.16 -5.93 5.41
C GLY A 245 6.02 -5.28 6.18
N GLU A 246 5.41 -6.02 7.12
CA GLU A 246 4.41 -5.44 8.03
C GLU A 246 5.19 -4.94 9.18
N GLY A 247 5.41 -3.63 9.19
CA GLY A 247 6.36 -3.01 10.09
C GLY A 247 7.76 -3.60 9.97
N CYS A 248 8.53 -3.47 11.06
CA CYS A 248 9.91 -3.90 11.13
C CYS A 248 10.15 -4.70 12.41
N ALA A 249 10.64 -5.93 12.27
CA ALA A 249 10.95 -6.83 13.39
C ALA A 249 9.75 -7.10 14.32
N GLN A 250 8.57 -7.14 13.70
CA GLN A 250 7.28 -7.47 14.28
C GLN A 250 7.08 -9.01 14.34
N PRO A 251 6.34 -9.52 15.36
CA PRO A 251 6.16 -10.98 15.41
C PRO A 251 5.39 -11.56 14.21
N ASN A 252 5.92 -12.67 13.69
CA ASN A 252 5.43 -13.33 12.47
C ASN A 252 5.41 -12.52 11.20
N ARG A 253 6.30 -11.53 11.13
CA ARG A 253 6.35 -10.62 9.98
C ARG A 253 7.80 -10.38 9.55
N PRO A 254 8.46 -11.42 9.01
CA PRO A 254 9.80 -11.26 8.46
C PRO A 254 9.86 -10.27 7.34
N GLY A 255 11.04 -9.74 7.10
CA GLY A 255 11.22 -8.76 6.07
C GLY A 255 11.07 -9.42 4.73
N ILE A 256 10.55 -8.67 3.78
CA ILE A 256 10.40 -9.15 2.44
C ILE A 256 11.25 -8.36 1.45
N TYR A 257 11.88 -9.11 0.55
CA TYR A 257 12.82 -8.60 -0.42
C TYR A 257 12.41 -9.09 -1.80
N THR A 258 12.67 -8.30 -2.83
CA THR A 258 12.53 -8.75 -4.18
C THR A 258 13.65 -9.77 -4.41
N ARG A 259 13.30 -10.87 -5.10
CA ARG A 259 14.21 -12.00 -5.35
C ARG A 259 14.94 -11.74 -6.67
N VAL A 260 16.24 -11.47 -6.56
CA VAL A 260 17.03 -11.01 -7.71
C VAL A 260 17.03 -12.07 -8.82
N THR A 261 17.21 -13.34 -8.46
CA THR A 261 17.21 -14.41 -9.47
C THR A 261 16.04 -14.31 -10.45
N TYR A 262 14.86 -14.01 -9.92
CA TYR A 262 13.65 -13.90 -10.73
C TYR A 262 13.74 -12.85 -11.83
N TYR A 263 14.55 -11.81 -11.63
CA TYR A 263 14.61 -10.65 -12.53
C TYR A 263 15.95 -10.43 -13.29
N LEU A 264 16.82 -11.43 -13.26
CA LEU A 264 18.06 -11.37 -14.06
C LEU A 264 17.86 -11.06 -15.56
N ASP A 265 16.91 -11.69 -16.25
CA ASP A 265 16.81 -11.45 -17.71
C ASP A 265 16.43 -9.98 -17.91
N TRP A 266 15.49 -9.51 -17.09
CA TRP A 266 15.09 -8.11 -17.21
C TRP A 266 16.31 -7.22 -16.96
N ILE A 267 17.03 -7.48 -15.87
CA ILE A 267 18.25 -6.71 -15.59
C ILE A 267 19.19 -6.70 -16.81
N HIS A 268 19.42 -7.88 -17.37
CA HIS A 268 20.41 -8.06 -18.43
C HIS A 268 19.98 -7.47 -19.72
N HIS A 269 18.69 -7.18 -19.86
CA HIS A 269 18.23 -6.43 -20.98
C HIS A 269 18.84 -5.02 -21.02
N TYR A 270 19.20 -4.48 -19.85
CA TYR A 270 19.79 -3.13 -19.75
C TYR A 270 21.26 -3.11 -19.37
N VAL A 271 21.70 -4.00 -18.51
CA VAL A 271 23.05 -3.91 -17.93
C VAL A 271 24.01 -4.93 -18.53
N PRO A 272 24.99 -4.45 -19.33
CA PRO A 272 26.02 -5.33 -19.97
C PRO A 272 26.71 -6.32 -19.04
N LYS A 273 27.13 -7.46 -19.59
CA LYS A 273 28.02 -8.43 -18.88
C LYS A 273 29.51 -8.26 -19.27
N ILE B 31 -14.46 13.66 2.07
CA ILE B 31 -15.15 14.06 0.80
C ILE B 31 -14.50 15.35 0.25
N VAL B 32 -14.17 15.36 -1.04
CA VAL B 32 -13.50 16.51 -1.69
C VAL B 32 -14.45 17.14 -2.70
N GLY B 33 -14.59 18.47 -2.61
CA GLY B 33 -15.45 19.26 -3.49
C GLY B 33 -16.94 19.16 -3.21
N GLY B 34 -17.29 18.61 -2.07
CA GLY B 34 -18.71 18.34 -1.83
C GLY B 34 -19.39 19.47 -1.10
N GLN B 35 -20.54 19.15 -0.52
CA GLN B 35 -21.14 19.98 0.52
C GLN B 35 -21.80 19.16 1.60
N GLU B 36 -22.22 19.83 2.64
CA GLU B 36 -22.92 19.21 3.73
C GLU B 36 -24.24 18.69 3.20
N ALA B 37 -24.60 17.47 3.57
CA ALA B 37 -25.78 16.82 3.07
C ALA B 37 -27.01 17.26 3.83
N PRO B 38 -28.17 17.28 3.17
CA PRO B 38 -29.43 17.44 3.93
C PRO B 38 -29.62 16.33 4.94
N ARG B 39 -30.40 16.60 5.99
CA ARG B 39 -30.56 15.67 7.11
C ARG B 39 -31.40 14.44 6.71
N SER B 40 -32.37 14.65 5.83
CA SER B 40 -33.22 13.56 5.27
C SER B 40 -32.51 12.55 4.38
N LYS B 41 -31.35 12.94 3.83
CA LYS B 41 -30.61 12.15 2.82
C LYS B 41 -29.56 11.24 3.39
N TRP B 42 -29.30 10.19 2.65
CA TRP B 42 -28.33 9.18 3.00
C TRP B 42 -28.62 8.49 4.35
N PRO B 43 -29.84 7.98 4.56
CA PRO B 43 -30.20 7.38 5.86
C PRO B 43 -29.42 6.12 6.23
N TRP B 44 -28.67 5.57 5.26
CA TRP B 44 -27.89 4.32 5.41
C TRP B 44 -26.47 4.55 5.91
N GLN B 45 -26.04 5.81 5.98
CA GLN B 45 -24.65 6.08 6.26
C GLN B 45 -24.34 5.70 7.70
N VAL B 46 -23.18 5.10 7.87
CA VAL B 46 -22.70 4.61 9.13
C VAL B 46 -21.30 5.18 9.30
N SER B 47 -20.91 5.41 10.54
CA SER B 47 -19.53 5.75 10.92
C SER B 47 -18.94 4.64 11.78
N LEU B 48 -17.76 4.13 11.44
CA LEU B 48 -17.03 3.16 12.29
C LEU B 48 -16.11 3.86 13.29
N ARG B 49 -16.11 3.39 14.54
CA ARG B 49 -15.41 4.03 15.65
C ARG B 49 -14.43 3.09 16.35
N VAL B 50 -13.23 3.57 16.65
CA VAL B 50 -12.16 2.80 17.29
C VAL B 50 -11.96 3.36 18.68
N HIS B 51 -11.75 2.47 19.64
CA HIS B 51 -11.53 2.88 21.03
C HIS B 51 -10.19 3.63 21.19
N GLY B 52 -10.23 4.76 21.90
CA GLY B 52 -9.03 5.44 22.37
C GLY B 52 -9.42 6.45 23.48
N PRO B 53 -8.76 7.63 23.51
CA PRO B 53 -9.27 8.74 24.32
C PRO B 53 -10.73 9.12 23.98
N TYR B 54 -11.13 8.96 22.71
CA TYR B 54 -12.55 8.93 22.35
C TYR B 54 -12.82 7.89 21.28
N TRP B 55 -14.10 7.64 21.03
CA TRP B 55 -14.51 6.73 19.98
C TRP B 55 -14.38 7.43 18.64
N MET B 56 -13.15 7.41 18.10
CA MET B 56 -12.83 8.20 16.93
C MET B 56 -13.34 7.54 15.67
N HIS B 57 -13.78 8.36 14.70
CA HIS B 57 -14.23 7.91 13.38
C HIS B 57 -13.03 7.57 12.56
N PHE B 58 -13.00 6.38 11.97
CA PHE B 58 -11.91 5.99 11.07
C PHE B 58 -12.34 5.53 9.67
N CYS B 59 -13.59 5.06 9.52
CA CYS B 59 -14.13 4.66 8.21
C CYS B 59 -15.64 4.81 8.19
N GLY B 60 -16.18 4.80 6.99
CA GLY B 60 -17.58 4.75 6.78
C GLY B 60 -18.00 3.33 6.54
N GLY B 61 -19.24 3.22 6.08
CA GLY B 61 -19.97 1.96 6.09
C GLY B 61 -21.36 2.28 5.58
N SER B 62 -22.11 1.24 5.19
CA SER B 62 -23.48 1.41 4.72
C SER B 62 -24.34 0.38 5.40
N LEU B 63 -25.52 0.78 5.85
CA LEU B 63 -26.49 -0.18 6.44
C LEU B 63 -27.25 -0.88 5.29
N ILE B 64 -26.99 -2.17 5.08
CA ILE B 64 -27.63 -2.92 3.97
C ILE B 64 -28.76 -3.89 4.36
N HIS B 65 -28.87 -4.17 5.66
CA HIS B 65 -29.91 -5.00 6.26
C HIS B 65 -29.95 -4.51 7.70
N PRO B 66 -31.09 -4.67 8.41
CA PRO B 66 -31.20 -4.12 9.78
C PRO B 66 -30.08 -4.48 10.76
N GLN B 67 -29.40 -5.59 10.52
CA GLN B 67 -28.38 -6.08 11.42
C GLN B 67 -26.97 -6.17 10.75
N TRP B 68 -26.86 -5.62 9.53
CA TRP B 68 -25.63 -5.72 8.77
C TRP B 68 -25.14 -4.40 8.15
N VAL B 69 -23.88 -4.09 8.45
CA VAL B 69 -23.16 -3.02 7.78
C VAL B 69 -22.14 -3.53 6.76
N LEU B 70 -22.23 -2.99 5.56
CA LEU B 70 -21.21 -3.15 4.54
C LEU B 70 -20.12 -2.06 4.69
N THR B 71 -18.84 -2.48 4.64
CA THR B 71 -17.66 -1.58 4.71
C THR B 71 -16.49 -2.13 3.85
N ALA B 72 -15.34 -1.50 3.93
CA ALA B 72 -14.17 -1.96 3.19
C ALA B 72 -13.32 -2.82 4.09
N ALA B 73 -12.79 -3.91 3.56
CA ALA B 73 -11.92 -4.81 4.34
C ALA B 73 -10.73 -4.14 4.97
N HIS B 74 -10.07 -3.23 4.23
CA HIS B 74 -8.88 -2.54 4.74
C HIS B 74 -9.13 -1.66 5.95
N CYS B 75 -10.37 -1.27 6.18
CA CYS B 75 -10.79 -0.61 7.43
C CYS B 75 -10.60 -1.48 8.65
N VAL B 76 -10.74 -2.79 8.47
CA VAL B 76 -10.71 -3.71 9.60
C VAL B 76 -9.75 -4.85 9.45
N GLY B 77 -9.00 -4.86 8.36
CA GLY B 77 -7.98 -5.87 8.14
C GLY B 77 -6.82 -5.36 7.31
N PRO B 78 -5.97 -6.30 6.90
CA PRO B 78 -6.13 -7.75 6.96
C PRO B 78 -5.88 -8.43 8.29
N ASP B 79 -5.14 -7.80 9.18
CA ASP B 79 -4.92 -8.40 10.46
C ASP B 79 -6.19 -8.36 11.27
N VAL B 80 -6.31 -9.34 12.16
CA VAL B 80 -7.50 -9.50 12.96
C VAL B 80 -7.50 -8.49 14.09
N LYS B 81 -8.62 -7.83 14.28
CA LYS B 81 -8.80 -6.86 15.37
C LYS B 81 -9.77 -7.32 16.49
N ASP B 82 -9.74 -6.54 17.57
CA ASP B 82 -10.51 -6.78 18.79
C ASP B 82 -11.90 -6.17 18.62
N LEU B 83 -12.94 -6.98 18.79
CA LEU B 83 -14.30 -6.50 18.69
C LEU B 83 -14.65 -5.40 19.68
N ALA B 84 -14.14 -5.49 20.91
CA ALA B 84 -14.48 -4.54 21.98
C ALA B 84 -14.06 -3.10 21.62
N ALA B 85 -13.04 -2.99 20.78
CA ALA B 85 -12.49 -1.72 20.36
C ALA B 85 -13.21 -1.19 19.15
N LEU B 86 -14.24 -1.86 18.66
CA LEU B 86 -14.89 -1.45 17.43
C LEU B 86 -16.36 -1.15 17.74
N ARG B 87 -16.84 -0.01 17.26
CA ARG B 87 -18.24 0.31 17.38
C ARG B 87 -18.79 1.04 16.16
N VAL B 88 -20.11 1.02 16.05
CA VAL B 88 -20.83 1.56 14.89
C VAL B 88 -21.80 2.62 15.32
N GLN B 89 -21.86 3.69 14.53
CA GLN B 89 -22.68 4.81 14.81
C GLN B 89 -23.49 5.00 13.58
N LEU B 90 -24.81 5.05 13.71
CA LEU B 90 -25.72 5.21 12.57
C LEU B 90 -25.83 6.66 12.20
N ARG B 91 -26.55 6.90 11.13
CA ARG B 91 -26.59 8.21 10.52
C ARG B 91 -26.65 9.35 11.54
N GLU B 92 -25.68 10.24 11.44
CA GLU B 92 -25.52 11.41 12.31
C GLU B 92 -25.29 12.63 11.44
N GLN B 93 -25.97 13.74 11.71
CA GLN B 93 -25.65 14.91 10.93
C GLN B 93 -24.21 15.36 11.23
N HIS B 94 -23.79 15.34 12.50
CA HIS B 94 -22.44 15.79 12.89
C HIS B 94 -21.84 14.76 13.84
N LEU B 95 -20.57 14.45 13.63
CA LEU B 95 -19.98 13.39 14.41
C LEU B 95 -19.83 13.78 15.86
N TYR B 96 -19.94 12.80 16.73
CA TYR B 96 -19.61 12.98 18.15
C TYR B 96 -20.69 13.70 19.00
N TYR B 97 -21.58 14.53 18.41
CA TYR B 97 -22.57 15.30 19.22
C TYR B 97 -23.62 14.42 19.92
N GLN B 98 -24.26 13.56 19.15
CA GLN B 98 -25.44 12.88 19.62
C GLN B 98 -25.18 11.38 19.47
N ASP B 99 -24.02 10.92 19.94
CA ASP B 99 -23.62 9.51 19.69
C ASP B 99 -24.50 8.53 20.46
N GLN B 100 -24.90 7.47 19.76
CA GLN B 100 -25.46 6.23 20.36
C GLN B 100 -24.73 5.03 19.71
N LEU B 101 -23.63 4.66 20.33
CA LEU B 101 -22.71 3.73 19.74
C LEU B 101 -23.20 2.32 19.91
N LEU B 102 -23.13 1.55 18.82
CA LEU B 102 -23.64 0.19 18.74
C LEU B 102 -22.50 -0.82 18.63
N PRO B 103 -22.51 -1.87 19.48
CA PRO B 103 -21.44 -2.87 19.41
C PRO B 103 -21.62 -3.78 18.20
N VAL B 104 -20.55 -4.51 17.89
CA VAL B 104 -20.50 -5.44 16.76
C VAL B 104 -20.31 -6.80 17.31
N SER B 105 -21.03 -7.77 16.75
CA SER B 105 -20.84 -9.19 17.13
C SER B 105 -19.88 -9.93 16.22
N ARG B 106 -19.77 -9.52 14.96
CA ARG B 106 -18.86 -10.21 14.06
C ARG B 106 -18.34 -9.36 12.95
N ILE B 107 -17.02 -9.46 12.73
CA ILE B 107 -16.36 -8.89 11.57
C ILE B 107 -16.10 -10.03 10.59
N ILE B 108 -16.58 -9.87 9.37
CA ILE B 108 -16.37 -10.84 8.29
C ILE B 108 -15.63 -10.09 7.20
N VAL B 109 -14.36 -10.42 7.05
CA VAL B 109 -13.48 -9.80 6.04
C VAL B 109 -13.32 -10.75 4.86
N HIS B 110 -13.53 -10.27 3.65
CA HIS B 110 -13.36 -11.15 2.49
C HIS B 110 -12.00 -11.88 2.58
N PRO B 111 -11.99 -13.21 2.54
CA PRO B 111 -10.73 -13.96 2.74
C PRO B 111 -9.66 -13.79 1.66
N GLN B 112 -10.05 -13.31 0.48
CA GLN B 112 -9.11 -12.92 -0.57
C GLN B 112 -8.50 -11.57 -0.43
N PHE B 113 -8.89 -10.81 0.58
CA PHE B 113 -8.31 -9.50 0.83
C PHE B 113 -6.96 -9.53 1.52
N TYR B 114 -6.00 -8.87 0.89
CA TYR B 114 -4.74 -8.51 1.53
C TYR B 114 -4.52 -6.98 1.42
N THR B 115 -4.64 -6.41 0.23
CA THR B 115 -4.57 -4.97 0.07
C THR B 115 -5.61 -4.53 -0.89
N ALA B 116 -5.93 -3.25 -0.80
CA ALA B 116 -6.89 -2.61 -1.66
C ALA B 116 -6.43 -2.64 -3.12
N GLN B 117 -5.13 -2.54 -3.38
CA GLN B 117 -4.66 -2.48 -4.78
C GLN B 117 -4.81 -3.83 -5.48
N ILE B 118 -4.86 -4.92 -4.71
CA ILE B 118 -5.05 -6.25 -5.25
C ILE B 118 -6.52 -6.52 -5.40
N GLY B 119 -7.30 -6.11 -4.41
CA GLY B 119 -8.75 -6.12 -4.51
C GLY B 119 -9.40 -6.93 -3.41
N ALA B 120 -10.65 -7.26 -3.61
CA ALA B 120 -11.51 -7.83 -2.58
C ALA B 120 -11.60 -6.93 -1.31
N ASP B 121 -11.68 -5.62 -1.54
CA ASP B 121 -11.71 -4.69 -0.43
C ASP B 121 -13.14 -4.52 0.04
N ILE B 122 -13.61 -5.52 0.77
CA ILE B 122 -15.01 -5.56 1.15
C ILE B 122 -15.16 -6.37 2.41
N ALA B 123 -15.99 -5.89 3.32
CA ALA B 123 -16.23 -6.54 4.58
C ALA B 123 -17.66 -6.29 5.11
N LEU B 124 -18.06 -7.19 6.01
CA LEU B 124 -19.32 -7.13 6.71
C LEU B 124 -19.12 -7.06 8.23
N LEU B 125 -19.89 -6.16 8.86
CA LEU B 125 -19.98 -6.08 10.30
C LEU B 125 -21.39 -6.45 10.74
N GLU B 126 -21.49 -7.53 11.50
CA GLU B 126 -22.76 -8.02 12.03
C GLU B 126 -23.02 -7.33 13.36
N LEU B 127 -24.11 -6.56 13.44
CA LEU B 127 -24.44 -5.82 14.67
C LEU B 127 -24.98 -6.82 15.69
N GLU B 128 -24.90 -6.48 16.97
CA GLU B 128 -25.48 -7.32 18.01
C GLU B 128 -27.01 -7.32 18.04
N GLU B 129 -27.65 -6.31 17.47
CA GLU B 129 -29.10 -6.17 17.46
C GLU B 129 -29.51 -5.59 16.15
N PRO B 130 -30.75 -5.84 15.71
CA PRO B 130 -31.30 -5.05 14.60
C PRO B 130 -31.48 -3.59 14.96
N VAL B 131 -31.48 -2.71 13.99
CA VAL B 131 -31.95 -1.36 14.24
C VAL B 131 -33.45 -1.41 13.91
N LYS B 132 -34.25 -0.65 14.66
CA LYS B 132 -35.65 -0.41 14.32
C LYS B 132 -35.67 0.67 13.22
N VAL B 133 -35.78 0.24 11.96
CA VAL B 133 -35.88 1.14 10.78
C VAL B 133 -36.87 2.33 10.98
N SER B 134 -36.46 3.51 10.49
CA SER B 134 -37.30 4.70 10.39
C SER B 134 -37.02 5.35 9.03
N SER B 135 -37.73 6.41 8.67
CA SER B 135 -37.43 7.13 7.41
C SER B 135 -36.07 7.87 7.49
N HIS B 136 -35.68 8.28 8.70
CA HIS B 136 -34.35 8.86 8.95
C HIS B 136 -33.14 7.86 8.99
N VAL B 137 -33.39 6.61 9.42
CA VAL B 137 -32.38 5.57 9.50
C VAL B 137 -32.94 4.26 8.92
N HIS B 138 -32.51 3.93 7.71
CA HIS B 138 -32.89 2.66 7.07
C HIS B 138 -31.83 2.17 6.08
N THR B 139 -32.05 0.99 5.53
CA THR B 139 -31.06 0.32 4.70
C THR B 139 -31.04 0.87 3.28
N VAL B 140 -29.93 0.61 2.60
CA VAL B 140 -29.77 0.88 1.16
C VAL B 140 -29.99 -0.42 0.39
N THR B 141 -30.59 -0.28 -0.77
CA THR B 141 -30.79 -1.42 -1.67
C THR B 141 -29.49 -1.78 -2.41
N LEU B 142 -29.08 -3.05 -2.28
CA LEU B 142 -28.00 -3.59 -3.13
C LEU B 142 -28.49 -3.79 -4.55
N PRO B 143 -27.58 -3.67 -5.53
CA PRO B 143 -28.05 -3.86 -6.88
C PRO B 143 -28.26 -5.36 -7.20
N PRO B 144 -29.06 -5.65 -8.23
CA PRO B 144 -29.06 -7.00 -8.75
C PRO B 144 -27.75 -7.24 -9.58
N ALA B 145 -27.34 -8.51 -9.67
CA ALA B 145 -26.11 -8.88 -10.36
C ALA B 145 -26.12 -8.42 -11.83
N SER B 146 -27.27 -8.50 -12.47
CA SER B 146 -27.42 -7.95 -13.84
C SER B 146 -27.08 -6.43 -14.00
N GLU B 147 -27.22 -5.63 -12.93
CA GLU B 147 -27.18 -4.18 -13.03
C GLU B 147 -25.79 -3.71 -13.37
N THR B 148 -25.66 -2.97 -14.46
CA THR B 148 -24.39 -2.37 -14.84
C THR B 148 -24.63 -0.87 -14.84
N PHE B 149 -23.84 -0.16 -14.03
CA PHE B 149 -24.03 1.25 -13.83
C PHE B 149 -23.27 1.94 -14.95
N PRO B 150 -23.98 2.47 -15.94
CA PRO B 150 -23.24 2.91 -17.11
C PRO B 150 -22.31 4.12 -16.87
N PRO B 151 -21.28 4.26 -17.72
CA PRO B 151 -20.39 5.42 -17.62
C PRO B 151 -21.11 6.72 -17.82
N GLY B 152 -20.80 7.71 -16.99
CA GLY B 152 -21.47 8.99 -17.04
C GLY B 152 -22.64 9.07 -16.10
N MET B 153 -23.22 7.94 -15.67
CA MET B 153 -24.30 7.98 -14.67
C MET B 153 -23.84 8.76 -13.44
N PRO B 154 -24.61 9.80 -13.06
CA PRO B 154 -24.28 10.51 -11.83
C PRO B 154 -24.66 9.69 -10.58
N CYS B 155 -23.74 9.71 -9.63
CA CYS B 155 -23.82 8.90 -8.45
C CYS B 155 -23.28 9.77 -7.35
N TRP B 156 -23.44 9.33 -6.12
CA TRP B 156 -23.01 10.10 -4.96
C TRP B 156 -22.21 9.26 -3.98
N VAL B 157 -21.15 9.86 -3.46
CA VAL B 157 -20.35 9.26 -2.41
C VAL B 157 -20.44 10.19 -1.19
N THR B 158 -20.56 9.60 0.01
CA THR B 158 -20.87 10.31 1.27
C THR B 158 -19.88 9.94 2.36
N GLY B 159 -19.61 10.84 3.29
CA GLY B 159 -18.65 10.52 4.33
C GLY B 159 -18.14 11.69 5.14
N TRP B 160 -17.41 11.35 6.19
CA TRP B 160 -16.75 12.32 7.10
C TRP B 160 -15.23 12.37 6.94
N GLY B 161 -14.72 11.91 5.81
CA GLY B 161 -13.30 11.90 5.58
C GLY B 161 -12.77 13.28 5.19
N ASP B 162 -11.49 13.29 4.85
CA ASP B 162 -10.80 14.53 4.58
C ASP B 162 -11.43 15.32 3.46
N VAL B 163 -11.30 16.63 3.53
CA VAL B 163 -11.79 17.50 2.47
C VAL B 163 -10.76 17.79 1.37
N ASP B 164 -9.50 17.42 1.61
CA ASP B 164 -8.48 17.31 0.54
C ASP B 164 -7.30 16.49 1.08
N ASN B 165 -6.21 16.36 0.32
CA ASN B 165 -5.05 15.56 0.76
C ASN B 165 -4.51 16.12 2.08
N ASP B 166 -4.23 15.25 3.05
CA ASP B 166 -3.83 15.69 4.39
C ASP B 166 -4.55 16.99 4.92
N GLU B 167 -5.88 17.05 4.75
CA GLU B 167 -6.74 18.13 5.26
C GLU B 167 -7.99 17.54 5.91
N ARG B 168 -7.93 17.37 7.22
CA ARG B 168 -9.06 16.91 8.01
C ARG B 168 -10.33 17.73 7.74
N LEU B 169 -11.45 17.03 7.87
CA LEU B 169 -12.76 17.66 7.89
C LEU B 169 -12.82 18.43 9.21
N PRO B 170 -13.12 19.74 9.16
CA PRO B 170 -13.14 20.52 10.41
C PRO B 170 -14.34 20.22 11.30
N PRO B 171 -14.24 20.55 12.59
CA PRO B 171 -15.42 20.61 13.40
C PRO B 171 -16.40 21.62 12.80
N PRO B 172 -17.71 21.37 12.92
CA PRO B 172 -18.40 20.31 13.69
C PRO B 172 -18.59 18.93 13.00
N PHE B 173 -17.82 18.61 11.97
CA PHE B 173 -17.83 17.24 11.37
C PHE B 173 -19.17 16.88 10.70
N PRO B 174 -19.64 17.73 9.78
CA PRO B 174 -20.88 17.41 9.09
C PRO B 174 -20.68 16.29 8.08
N LEU B 175 -21.68 15.45 7.88
CA LEU B 175 -21.65 14.47 6.78
C LEU B 175 -21.62 15.20 5.42
N LYS B 176 -20.61 14.94 4.59
CA LYS B 176 -20.49 15.60 3.29
C LYS B 176 -20.93 14.63 2.18
N GLN B 177 -21.29 15.19 1.04
CA GLN B 177 -21.76 14.43 -0.12
C GLN B 177 -21.15 15.07 -1.33
N VAL B 178 -20.99 14.29 -2.40
CA VAL B 178 -20.57 14.83 -3.67
C VAL B 178 -20.99 13.92 -4.82
N LYS B 179 -21.31 14.58 -5.94
CA LYS B 179 -21.68 13.92 -7.18
C LYS B 179 -20.43 13.61 -8.01
N VAL B 180 -20.27 12.33 -8.32
CA VAL B 180 -19.11 11.82 -9.03
C VAL B 180 -19.67 10.96 -10.16
N PRO B 181 -19.25 11.24 -11.42
CA PRO B 181 -19.73 10.35 -12.49
C PRO B 181 -18.93 9.03 -12.53
N ILE B 182 -19.64 7.93 -12.74
CA ILE B 182 -19.04 6.63 -13.02
C ILE B 182 -18.19 6.74 -14.27
N MET B 183 -17.07 6.03 -14.27
CA MET B 183 -16.26 5.89 -15.45
C MET B 183 -16.04 4.41 -15.76
N GLU B 184 -15.95 4.08 -17.05
CA GLU B 184 -15.65 2.72 -17.47
C GLU B 184 -14.28 2.24 -16.92
N ASN B 185 -14.20 1.00 -16.43
CA ASN B 185 -12.94 0.45 -15.94
C ASN B 185 -11.75 0.60 -16.88
N HIS B 186 -11.99 0.45 -18.18
CA HIS B 186 -10.92 0.45 -19.14
C HIS B 186 -10.31 1.83 -19.16
N ILE B 187 -11.18 2.84 -19.20
CA ILE B 187 -10.73 4.25 -19.21
C ILE B 187 -9.99 4.61 -17.93
N CYS B 188 -10.53 4.15 -16.82
CA CYS B 188 -9.97 4.46 -15.55
C CYS B 188 -8.63 3.80 -15.34
N ASP B 189 -8.50 2.54 -15.81
CA ASP B 189 -7.21 1.83 -15.88
C ASP B 189 -6.19 2.55 -16.76
N ALA B 190 -6.64 3.02 -17.92
CA ALA B 190 -5.77 3.78 -18.83
C ALA B 190 -5.22 5.06 -18.18
N LYS B 191 -6.07 5.73 -17.41
CA LYS B 191 -5.68 6.98 -16.72
C LYS B 191 -4.58 6.77 -15.68
N TYR B 192 -4.72 5.72 -14.88
CA TYR B 192 -3.74 5.35 -13.87
C TYR B 192 -2.36 5.05 -14.45
N HIS B 193 -2.33 4.61 -15.71
CA HIS B 193 -1.09 4.38 -16.44
C HIS B 193 -0.46 5.65 -16.97
N LEU B 194 -1.25 6.71 -17.11
CA LEU B 194 -0.74 8.00 -17.54
C LEU B 194 0.22 8.62 -16.53
N GLY B 195 1.47 8.85 -16.97
CA GLY B 195 2.50 9.42 -16.11
C GLY B 195 3.03 8.38 -15.12
N ALA B 196 2.91 7.10 -15.51
CA ALA B 196 3.35 5.93 -14.73
C ALA B 196 4.29 5.07 -15.53
N TYR B 197 5.20 4.37 -14.85
CA TYR B 197 6.16 3.43 -15.48
C TYR B 197 5.46 2.08 -15.82
N THR B 198 4.36 1.81 -15.13
CA THR B 198 3.71 0.50 -15.16
C THR B 198 3.31 0.27 -16.59
N GLY B 199 3.53 -0.94 -17.10
CA GLY B 199 3.27 -1.23 -18.50
C GLY B 199 1.79 -1.18 -18.81
N ASP B 200 1.41 -0.60 -19.94
CA ASP B 200 -0.02 -0.42 -20.30
C ASP B 200 -0.86 -1.70 -20.32
N ASP B 201 -0.26 -2.84 -20.65
CA ASP B 201 -0.90 -4.20 -20.59
C ASP B 201 -1.07 -4.84 -19.15
N VAL B 202 -0.72 -4.09 -18.11
CA VAL B 202 -0.61 -4.62 -16.76
C VAL B 202 -1.62 -3.89 -15.94
N ARG B 203 -2.67 -4.60 -15.51
CA ARG B 203 -3.83 -3.99 -14.90
C ARG B 203 -3.48 -3.28 -13.61
N ILE B 204 -4.01 -2.06 -13.46
CA ILE B 204 -4.03 -1.37 -12.17
C ILE B 204 -5.44 -1.43 -11.61
N VAL B 205 -6.43 -0.99 -12.39
CA VAL B 205 -7.82 -1.06 -11.94
C VAL B 205 -8.36 -2.37 -12.38
N ARG B 206 -8.79 -3.18 -11.43
CA ARG B 206 -9.15 -4.57 -11.67
C ARG B 206 -10.65 -4.74 -11.85
N ASP B 207 -11.06 -5.92 -12.30
CA ASP B 207 -12.45 -6.17 -12.65
C ASP B 207 -13.38 -6.18 -11.44
N ASP B 208 -12.86 -6.41 -10.22
CA ASP B 208 -13.67 -6.21 -8.99
C ASP B 208 -13.73 -4.75 -8.48
N MET B 209 -13.19 -3.80 -9.24
CA MET B 209 -13.11 -2.40 -8.89
C MET B 209 -13.96 -1.57 -9.86
N LEU B 210 -14.22 -0.33 -9.47
CA LEU B 210 -15.09 0.60 -10.17
C LEU B 210 -14.55 1.99 -9.89
N CYS B 211 -14.73 2.92 -10.82
CA CYS B 211 -14.17 4.26 -10.74
C CYS B 211 -15.18 5.39 -10.80
N ALA B 212 -14.89 6.44 -10.05
CA ALA B 212 -15.64 7.65 -10.15
C ALA B 212 -14.83 8.81 -9.60
N GLY B 213 -15.05 9.98 -10.16
CA GLY B 213 -14.41 11.19 -9.68
C GLY B 213 -13.42 11.80 -10.65
N ASN B 214 -12.90 12.95 -10.23
CA ASN B 214 -12.10 13.83 -11.06
C ASN B 214 -11.33 14.79 -10.12
N THR B 215 -10.68 15.81 -10.67
CA THR B 215 -9.81 16.71 -9.88
C THR B 215 -10.56 17.75 -9.07
N ARG B 216 -11.88 17.84 -9.24
CA ARG B 216 -12.72 18.66 -8.37
C ARG B 216 -13.52 17.84 -7.34
N ARG B 217 -13.89 16.60 -7.67
CA ARG B 217 -14.89 15.87 -6.90
C ARG B 217 -14.44 14.41 -6.68
N ASP B 218 -14.21 14.03 -5.42
CA ASP B 218 -13.66 12.72 -5.08
C ASP B 218 -13.96 12.32 -3.64
N SER B 219 -13.76 11.04 -3.34
CA SER B 219 -13.70 10.54 -1.97
C SER B 219 -12.29 10.74 -1.41
N CYS B 220 -12.09 10.59 -0.12
CA CYS B 220 -10.77 10.78 0.44
C CYS B 220 -10.59 9.99 1.73
N GLN B 221 -9.40 10.09 2.29
CA GLN B 221 -9.00 9.39 3.52
C GLN B 221 -10.06 9.58 4.64
N GLY B 222 -10.58 8.47 5.20
CA GLY B 222 -11.71 8.52 6.14
C GLY B 222 -13.12 8.34 5.57
N ASP B 223 -13.25 8.47 4.25
CA ASP B 223 -14.44 8.04 3.57
C ASP B 223 -14.43 6.55 3.26
N SER B 224 -13.28 5.90 3.34
CA SER B 224 -13.16 4.47 3.06
C SER B 224 -14.29 3.65 3.72
N GLY B 225 -14.80 2.66 2.99
CA GLY B 225 -15.86 1.77 3.49
C GLY B 225 -17.28 2.32 3.35
N GLY B 226 -17.38 3.61 3.02
CA GLY B 226 -18.66 4.24 2.79
C GLY B 226 -19.20 3.96 1.40
N PRO B 227 -20.40 4.45 1.12
CA PRO B 227 -21.11 3.99 -0.07
C PRO B 227 -20.99 4.91 -1.25
N LEU B 228 -20.92 4.33 -2.45
CA LEU B 228 -21.21 5.05 -3.70
C LEU B 228 -22.56 4.53 -4.14
N VAL B 229 -23.53 5.44 -4.18
CA VAL B 229 -24.88 5.07 -4.53
C VAL B 229 -25.28 5.79 -5.81
N CYS B 230 -26.15 5.16 -6.60
CA CYS B 230 -26.70 5.79 -7.81
C CYS B 230 -28.22 5.59 -7.82
N LYS B 231 -28.93 6.62 -8.27
CA LYS B 231 -30.37 6.58 -8.37
C LYS B 231 -30.76 6.11 -9.78
N VAL B 232 -31.23 4.85 -9.85
CA VAL B 232 -31.51 4.17 -11.12
C VAL B 232 -32.99 3.94 -11.19
N ASN B 233 -33.62 4.58 -12.19
CA ASN B 233 -35.07 4.50 -12.38
C ASN B 233 -35.84 4.70 -11.07
N GLY B 234 -35.55 5.82 -10.39
CA GLY B 234 -36.21 6.18 -9.12
C GLY B 234 -35.69 5.60 -7.80
N THR B 235 -34.85 4.55 -7.85
CA THR B 235 -34.38 3.88 -6.61
C THR B 235 -32.85 4.05 -6.39
N TRP B 236 -32.45 4.19 -5.12
CA TRP B 236 -31.05 4.37 -4.71
C TRP B 236 -30.41 3.01 -4.57
N LEU B 237 -29.42 2.69 -5.40
CA LEU B 237 -28.69 1.41 -5.29
C LEU B 237 -27.21 1.62 -4.94
N GLN B 238 -26.65 0.75 -4.09
CA GLN B 238 -25.23 0.87 -3.76
C GLN B 238 -24.31 0.27 -4.82
N ALA B 239 -23.62 1.14 -5.55
CA ALA B 239 -22.75 0.71 -6.68
C ALA B 239 -21.36 0.30 -6.20
N GLY B 240 -20.85 1.05 -5.23
CA GLY B 240 -19.46 0.94 -4.77
C GLY B 240 -19.31 0.98 -3.25
N VAL B 241 -18.15 0.52 -2.82
CA VAL B 241 -17.59 0.77 -1.50
C VAL B 241 -16.30 1.58 -1.73
N VAL B 242 -16.13 2.69 -1.01
CA VAL B 242 -14.89 3.47 -1.08
C VAL B 242 -13.69 2.58 -0.69
N SER B 243 -12.68 2.47 -1.57
CA SER B 243 -11.53 1.57 -1.35
C SER B 243 -10.21 2.31 -1.35
N TRP B 244 -9.80 2.85 -2.49
CA TRP B 244 -8.53 3.58 -2.58
C TRP B 244 -8.41 4.51 -3.81
N GLY B 245 -7.21 5.05 -3.98
CA GLY B 245 -6.82 5.79 -5.15
C GLY B 245 -5.48 6.42 -4.86
N GLU B 246 -4.84 7.05 -5.84
CA GLU B 246 -3.64 7.84 -5.55
C GLU B 246 -4.09 9.21 -5.07
N GLY B 247 -4.01 9.41 -3.77
CA GLY B 247 -4.46 10.63 -3.19
C GLY B 247 -5.92 10.91 -3.48
N CYS B 248 -6.27 12.18 -3.44
CA CYS B 248 -7.66 12.62 -3.54
C CYS B 248 -7.71 13.72 -4.57
N ALA B 249 -8.53 13.51 -5.58
CA ALA B 249 -8.79 14.48 -6.66
C ALA B 249 -7.52 14.90 -7.40
N GLN B 250 -6.63 13.95 -7.66
CA GLN B 250 -5.39 14.24 -8.37
C GLN B 250 -5.63 14.01 -9.85
N PRO B 251 -4.85 14.68 -10.74
CA PRO B 251 -4.95 14.49 -12.20
C PRO B 251 -4.84 13.04 -12.59
N ASN B 252 -5.72 12.61 -13.48
CA ASN B 252 -5.75 11.22 -13.96
C ASN B 252 -5.72 10.15 -12.87
N ARG B 253 -6.23 10.45 -11.67
CA ARG B 253 -6.30 9.44 -10.62
C ARG B 253 -7.66 9.47 -9.93
N PRO B 254 -8.69 8.95 -10.63
CA PRO B 254 -10.05 8.83 -10.06
C PRO B 254 -10.08 7.88 -8.89
N GLY B 255 -11.10 8.05 -8.07
CA GLY B 255 -11.29 7.25 -6.88
C GLY B 255 -11.72 5.87 -7.29
N ILE B 256 -11.25 4.90 -6.54
CA ILE B 256 -11.51 3.52 -6.84
C ILE B 256 -12.41 2.95 -5.75
N TYR B 257 -13.41 2.22 -6.20
CA TYR B 257 -14.39 1.60 -5.30
C TYR B 257 -14.38 0.10 -5.51
N THR B 258 -14.69 -0.66 -4.47
CA THR B 258 -14.97 -2.08 -4.68
C THR B 258 -16.31 -2.12 -5.43
N ARG B 259 -16.42 -2.96 -6.46
CA ARG B 259 -17.67 -3.11 -7.22
C ARG B 259 -18.64 -4.03 -6.47
N VAL B 260 -19.81 -3.53 -6.08
CA VAL B 260 -20.74 -4.31 -5.24
C VAL B 260 -21.24 -5.56 -5.99
N THR B 261 -21.68 -5.39 -7.24
CA THR B 261 -22.23 -6.50 -8.05
C THR B 261 -21.30 -7.71 -8.00
N TYR B 262 -20.03 -7.45 -8.23
CA TYR B 262 -19.00 -8.47 -8.13
C TYR B 262 -19.06 -9.37 -6.86
N TYR B 263 -19.39 -8.80 -5.71
CA TYR B 263 -19.46 -9.58 -4.45
C TYR B 263 -20.88 -9.83 -3.86
N LEU B 264 -21.93 -9.65 -4.66
CA LEU B 264 -23.27 -10.01 -4.18
C LEU B 264 -23.37 -11.42 -3.63
N ASP B 265 -22.82 -12.42 -4.31
CA ASP B 265 -22.93 -13.81 -3.86
C ASP B 265 -22.25 -14.03 -2.50
N TRP B 266 -21.08 -13.43 -2.31
CA TRP B 266 -20.39 -13.44 -1.01
C TRP B 266 -21.20 -12.71 0.08
N ILE B 267 -21.67 -11.50 -0.24
CA ILE B 267 -22.54 -10.75 0.67
C ILE B 267 -23.77 -11.55 1.08
N HIS B 268 -24.47 -12.12 0.09
CA HIS B 268 -25.71 -12.90 0.33
C HIS B 268 -25.48 -14.25 1.03
N HIS B 269 -24.25 -14.74 1.00
CA HIS B 269 -23.86 -15.89 1.80
C HIS B 269 -23.99 -15.66 3.31
N TYR B 270 -24.05 -14.39 3.71
CA TYR B 270 -24.20 -13.99 5.09
C TYR B 270 -25.42 -13.11 5.33
N VAL B 271 -25.72 -12.20 4.40
CA VAL B 271 -26.80 -11.22 4.59
C VAL B 271 -28.11 -11.65 3.94
N PRO B 272 -29.15 -11.95 4.74
CA PRO B 272 -30.43 -12.40 4.18
C PRO B 272 -31.11 -11.43 3.18
N LYS B 273 -31.76 -12.01 2.16
CA LYS B 273 -32.59 -11.26 1.15
C LYS B 273 -34.07 -11.18 1.57
#